data_9HYO
#
_entry.id   9HYO
#
_cell.length_a   48.525
_cell.length_b   64.096
_cell.length_c   89.476
_cell.angle_alpha   90
_cell.angle_beta   96.87
_cell.angle_gamma   90
#
_symmetry.space_group_name_H-M   'P 1 21 1'
#
loop_
_entity.id
_entity.type
_entity.pdbx_description
1 polymer 'Probable global transcription activator SNF2L2'
2 polymer Elongin-B
3 polymer Elongin-C
4 polymer 'von Hippel-Lindau disease tumor suppressor'
5 non-polymer (2~{S},4~{R})-~{N}-[[2-[2-[2-[2-[4-[7-(5-bromanyl-4-oxidanylidene-2,3-dihydro-1,3-benzoxazin-2-yl)-4-[cyclopropyl(methyl)amino]-5,6,8,9-tetrahydropyrimido[4,5-d]azepin-2-yl]piperazin-1-yl]ethoxy]ethoxy]ethoxy]-4-(4-methyl-1,3-thiazol-5-yl)phenyl]methyl]-1-[(2~{S})-2-[(1-fluoranylcyclopropyl)carbonylamino]-3,3-dimethyl-butanoyl]-4-oxidanyl-pyrrolidine-2-carboxamide
6 water water
#
loop_
_entity_poly.entity_id
_entity_poly.type
_entity_poly.pdbx_seq_one_letter_code
_entity_poly.pdbx_strand_id
1 'polypeptide(L)'
;SMAEKLSPNPPKLTKQMNAIIDTVINYKDSSGRQLSEVFIQLPSRKELPEYYELIRKPVDFKKIKERIRNHKYRSLGDLE
KDVMLLCHNAQTFNLEGSQIYEDSIVLQSVFKSARQKIAKEEE
;
A
2 'polypeptide(L)'
;MDVFLMIRRHKTTIFTDAKESSTVFELKRIVEGILKRPPDEQRLYKDDQLLDDGKTLGECGFTSQTARPQAPATVGLAFR
ADDTFEALCIEPFSSPPELPDVMK
;
B
3 'polypeptide(L)'
;MMYVKLISSDGHEFIVKREHALTSGTIKAMLSGPGQFAENETNEVNFREIPSHVLSKVCMYFTYKVRYTNSSTEIPEFPI
APEIALELLMAANFLDC
;
C
4 'polypeptide(L)'
;GSMEAGRPRPVLRSVNSREPSQVIFCNRSPRVVLPVWLNFDGEPQPYPTLPPGTGRRIHSYRGHLWLFRDAGTHDGLLVN
QTELFVPSLNVDGQPIFANITLPVYTLKERCLQVVRSLVKPENYRRLDIVRSLYEDLEDHPNVQKDLERLTQERIAHQRM
GD
;
D
#
loop_
_chem_comp.id
_chem_comp.type
_chem_comp.name
_chem_comp.formula
A1IYN non-polymer (2~{S},4~{R})-~{N}-[[2-[2-[2-[2-[4-[7-(5-bromanyl-4-oxidanylidene-2,3-dihydro-1,3-benzoxazin-2-yl)-4-[cyclopropyl(methyl)amino]-5,6,8,9-tetrahydropyrimido[4,5-d]azepin-2-yl]piperazin-1-yl]ethoxy]ethoxy]ethoxy]-4-(4-methyl-1,3-thiazol-5-yl)phenyl]methyl]-1-[(2~{S})-2-[(1-fluoranylcyclopropyl)carbonylamino]-3,3-dimethyl-butanoyl]-4-oxidanyl-pyrrolidine-2-carboxamide 'C56 H71 Br F N11 O9 S'
#
# COMPACT_ATOMS: atom_id res chain seq x y z
N PRO A 11 25.40 -24.52 35.10
CA PRO A 11 26.63 -24.81 35.86
C PRO A 11 27.60 -23.63 35.91
N LYS A 12 28.41 -23.43 34.85
CA LYS A 12 29.33 -22.29 34.68
C LYS A 12 28.57 -21.31 33.78
N LEU A 13 27.76 -21.90 32.89
CA LEU A 13 26.87 -21.29 31.92
C LEU A 13 26.03 -20.22 32.60
N THR A 14 25.44 -20.57 33.75
CA THR A 14 24.58 -19.71 34.56
C THR A 14 25.35 -18.53 35.14
N LYS A 15 26.69 -18.64 35.25
CA LYS A 15 27.53 -17.51 35.72
C LYS A 15 27.86 -16.64 34.51
N GLN A 16 28.03 -17.26 33.32
CA GLN A 16 28.30 -16.55 32.08
C GLN A 16 27.08 -15.72 31.77
N MET A 17 25.94 -16.39 31.54
CA MET A 17 24.62 -15.81 31.24
C MET A 17 24.22 -14.65 32.13
N ASN A 18 24.59 -14.72 33.43
CA ASN A 18 24.28 -13.66 34.38
C ASN A 18 25.14 -12.48 34.02
N ALA A 19 26.49 -12.65 34.02
CA ALA A 19 27.51 -11.63 33.67
C ALA A 19 27.27 -11.00 32.29
N ILE A 20 26.68 -11.77 31.35
CA ILE A 20 26.31 -11.31 30.00
C ILE A 20 25.16 -10.30 30.08
N ILE A 21 24.02 -10.71 30.66
CA ILE A 21 22.84 -9.87 30.74
C ILE A 21 23.01 -8.72 31.73
N ASP A 22 23.78 -8.94 32.79
CA ASP A 22 24.03 -7.93 33.82
C ASP A 22 24.61 -6.67 33.21
N THR A 23 25.52 -6.82 32.22
CA THR A 23 26.18 -5.72 31.50
C THR A 23 25.13 -4.77 30.89
N VAL A 24 24.24 -5.34 30.05
CA VAL A 24 23.17 -4.68 29.33
C VAL A 24 22.25 -3.97 30.31
N ILE A 25 21.75 -4.73 31.32
CA ILE A 25 20.90 -4.28 32.42
C ILE A 25 21.54 -3.04 33.09
N ASN A 26 22.85 -3.11 33.37
CA ASN A 26 23.64 -2.04 34.00
C ASN A 26 24.15 -0.97 32.99
N TYR A 27 23.75 -1.06 31.72
CA TYR A 27 24.23 -0.06 30.77
C TYR A 27 23.47 1.28 30.87
N LYS A 28 24.25 2.37 31.13
CA LYS A 28 23.86 3.79 31.19
C LYS A 28 24.41 4.42 29.93
N ASP A 29 23.54 4.98 29.09
CA ASP A 29 23.87 5.56 27.79
C ASP A 29 24.94 6.67 27.80
N SER A 30 25.26 7.16 26.58
CA SER A 30 26.20 8.22 26.20
C SER A 30 26.01 9.57 26.94
N SER A 31 24.75 9.88 27.37
CA SER A 31 24.37 11.09 28.10
C SER A 31 23.96 10.77 29.56
N GLY A 32 24.45 9.64 30.07
CA GLY A 32 24.24 9.15 31.44
C GLY A 32 22.81 8.89 31.87
N ARG A 33 22.28 7.69 31.53
CA ARG A 33 20.93 7.22 31.85
C ARG A 33 20.75 5.79 31.30
N GLN A 34 20.29 4.85 32.15
CA GLN A 34 20.08 3.45 31.78
C GLN A 34 19.08 3.34 30.61
N LEU A 35 19.41 2.57 29.56
CA LEU A 35 18.50 2.42 28.41
C LEU A 35 17.49 1.32 28.70
N SER A 36 18.01 0.15 29.08
CA SER A 36 17.32 -1.09 29.45
C SER A 36 16.14 -0.92 30.44
N GLU A 37 16.23 0.07 31.36
CA GLU A 37 15.29 0.45 32.43
C GLU A 37 13.83 0.23 32.09
N VAL A 38 13.46 0.54 30.84
CA VAL A 38 12.11 0.42 30.30
C VAL A 38 11.64 -1.04 30.23
N PHE A 39 12.47 -1.89 29.58
CA PHE A 39 12.25 -3.28 29.22
C PHE A 39 12.35 -4.27 30.37
N ILE A 40 12.97 -3.82 31.48
CA ILE A 40 13.17 -4.57 32.73
C ILE A 40 11.86 -5.23 33.14
N GLN A 41 10.80 -4.41 33.30
CA GLN A 41 9.47 -4.90 33.60
C GLN A 41 8.55 -4.46 32.49
N LEU A 42 7.90 -5.47 31.91
CA LEU A 42 6.89 -5.35 30.88
C LEU A 42 5.65 -4.70 31.53
N PRO A 43 4.84 -3.88 30.81
CA PRO A 43 3.65 -3.26 31.45
C PRO A 43 2.69 -4.29 32.06
N SER A 44 1.82 -3.85 32.96
CA SER A 44 0.83 -4.73 33.56
C SER A 44 -0.22 -5.17 32.50
N ARG A 45 -0.82 -6.37 32.68
CA ARG A 45 -1.76 -6.96 31.74
C ARG A 45 -2.96 -6.06 31.39
N LYS A 46 -3.83 -5.75 32.37
CA LYS A 46 -5.03 -4.90 32.22
C LYS A 46 -4.67 -3.43 31.93
N GLU A 47 -3.42 -3.02 32.26
CA GLU A 47 -2.90 -1.66 32.09
C GLU A 47 -2.63 -1.31 30.63
N LEU A 48 -1.91 -2.18 29.87
CA LEU A 48 -1.65 -1.98 28.43
C LEU A 48 -2.15 -3.19 27.63
N PRO A 49 -3.47 -3.48 27.54
CA PRO A 49 -3.91 -4.67 26.78
C PRO A 49 -3.56 -4.57 25.30
N GLU A 50 -3.85 -3.40 24.70
CA GLU A 50 -3.60 -3.00 23.31
C GLU A 50 -2.32 -3.63 22.74
N TYR A 51 -1.23 -3.53 23.52
CA TYR A 51 0.11 -4.04 23.27
C TYR A 51 0.12 -5.54 23.00
N TYR A 52 -0.32 -6.34 23.98
CA TYR A 52 -0.32 -7.81 24.00
C TYR A 52 -0.89 -8.52 22.79
N GLU A 53 -1.91 -7.97 22.13
CA GLU A 53 -2.53 -8.61 20.96
C GLU A 53 -1.56 -8.75 19.80
N LEU A 54 -0.83 -7.66 19.53
CA LEU A 54 0.20 -7.55 18.50
C LEU A 54 1.46 -8.35 18.90
N ILE A 55 1.88 -8.23 20.19
CA ILE A 55 3.03 -8.90 20.81
C ILE A 55 2.53 -10.27 21.26
N ARG A 56 2.34 -11.19 20.29
CA ARG A 56 1.80 -12.51 20.56
C ARG A 56 2.80 -13.40 21.36
N LYS A 57 4.02 -12.88 21.66
CA LYS A 57 5.05 -13.54 22.47
C LYS A 57 5.76 -12.53 23.43
N PRO A 58 5.09 -12.01 24.51
CA PRO A 58 5.75 -11.00 25.39
C PRO A 58 6.86 -11.49 26.34
N VAL A 59 7.93 -10.67 26.41
CA VAL A 59 9.12 -10.93 27.21
C VAL A 59 9.66 -9.62 27.78
N ASP A 60 10.08 -9.65 29.06
CA ASP A 60 10.68 -8.57 29.86
C ASP A 60 12.04 -9.05 30.36
N PHE A 61 12.99 -8.14 30.65
CA PHE A 61 14.34 -8.50 31.10
C PHE A 61 14.37 -9.36 32.36
N LYS A 62 13.31 -9.24 33.18
CA LYS A 62 13.09 -9.99 34.40
C LYS A 62 12.65 -11.44 34.08
N LYS A 63 12.05 -11.68 32.87
CA LYS A 63 11.60 -12.99 32.41
C LYS A 63 12.74 -13.81 31.79
N ILE A 64 13.90 -13.16 31.53
CA ILE A 64 15.13 -13.81 31.06
C ILE A 64 15.91 -14.19 32.32
N LYS A 65 16.12 -13.19 33.23
CA LYS A 65 16.78 -13.31 34.54
C LYS A 65 16.17 -14.48 35.29
N GLU A 66 14.88 -14.73 35.05
CA GLU A 66 14.11 -15.81 35.61
C GLU A 66 14.67 -17.11 35.07
N ARG A 67 14.57 -17.32 33.76
CA ARG A 67 15.03 -18.54 33.11
C ARG A 67 16.49 -18.91 33.42
N ILE A 68 17.35 -17.91 33.65
CA ILE A 68 18.75 -18.14 34.01
C ILE A 68 18.75 -18.75 35.42
N ARG A 69 18.21 -17.98 36.42
CA ARG A 69 18.08 -18.31 37.84
C ARG A 69 17.49 -19.71 38.05
N ASN A 70 16.40 -20.00 37.34
CA ASN A 70 15.69 -21.27 37.44
C ASN A 70 16.51 -22.41 36.89
N HIS A 71 17.04 -22.25 35.65
CA HIS A 71 17.86 -23.14 34.80
C HIS A 71 17.07 -23.67 33.61
N LYS A 72 17.01 -22.86 32.53
CA LYS A 72 16.29 -23.17 31.31
C LYS A 72 17.20 -23.27 30.07
N TYR A 73 17.84 -22.14 29.66
CA TYR A 73 18.72 -22.17 28.49
C TYR A 73 19.97 -22.98 28.84
N ARG A 74 19.96 -24.28 28.41
CA ARG A 74 21.07 -25.23 28.64
C ARG A 74 22.09 -25.17 27.46
N SER A 75 22.00 -24.06 26.70
CA SER A 75 22.82 -23.64 25.56
C SER A 75 23.05 -22.13 25.75
N LEU A 76 24.28 -21.65 25.53
CA LEU A 76 24.61 -20.22 25.65
C LEU A 76 23.99 -19.42 24.51
N GLY A 77 23.85 -20.07 23.35
CA GLY A 77 23.21 -19.51 22.18
C GLY A 77 21.72 -19.35 22.45
N ASP A 78 21.12 -20.32 23.18
CA ASP A 78 19.70 -20.35 23.57
C ASP A 78 19.19 -19.03 24.16
N LEU A 79 20.06 -18.29 24.87
CA LEU A 79 19.70 -17.01 25.46
C LEU A 79 19.69 -15.93 24.38
N GLU A 80 20.70 -15.90 23.47
CA GLU A 80 20.77 -14.91 22.38
C GLU A 80 19.47 -14.93 21.58
N LYS A 81 18.96 -16.14 21.30
CA LYS A 81 17.71 -16.42 20.60
C LYS A 81 16.52 -15.79 21.34
N ASP A 82 16.55 -15.80 22.69
CA ASP A 82 15.53 -15.22 23.55
C ASP A 82 15.70 -13.72 23.62
N VAL A 83 16.93 -13.20 23.83
CA VAL A 83 17.22 -11.77 23.92
C VAL A 83 16.80 -11.03 22.65
N MET A 84 17.10 -11.61 21.47
CA MET A 84 16.72 -11.05 20.17
C MET A 84 15.19 -10.88 20.06
N LEU A 85 14.42 -11.72 20.80
CA LEU A 85 12.96 -11.68 20.85
C LEU A 85 12.51 -10.43 21.57
N LEU A 86 13.15 -10.05 22.69
CA LEU A 86 12.78 -8.84 23.42
C LEU A 86 12.94 -7.63 22.54
N CYS A 87 14.01 -7.64 21.73
CA CYS A 87 14.33 -6.61 20.76
C CYS A 87 13.33 -6.65 19.61
N HIS A 88 12.90 -7.86 19.19
CA HIS A 88 11.93 -7.95 18.12
C HIS A 88 10.57 -7.46 18.55
N ASN A 89 10.07 -7.88 19.71
CA ASN A 89 8.83 -7.40 20.30
C ASN A 89 8.84 -5.89 20.36
N ALA A 90 9.95 -5.30 20.88
CA ALA A 90 10.16 -3.87 21.02
C ALA A 90 10.20 -3.17 19.65
N GLN A 91 10.77 -3.83 18.61
CA GLN A 91 10.82 -3.29 17.25
C GLN A 91 9.44 -3.39 16.63
N THR A 92 8.70 -4.44 17.01
CA THR A 92 7.36 -4.76 16.57
C THR A 92 6.39 -3.67 16.96
N PHE A 93 5.97 -3.59 18.25
CA PHE A 93 5.02 -2.58 18.73
C PHE A 93 5.47 -1.15 18.42
N ASN A 94 6.59 -0.74 19.02
CA ASN A 94 7.20 0.58 18.96
C ASN A 94 7.61 0.97 17.54
N LEU A 95 7.67 2.28 17.26
CA LEU A 95 7.96 2.79 15.93
C LEU A 95 9.40 3.28 15.74
N GLU A 96 9.93 3.20 14.48
CA GLU A 96 11.27 3.72 14.16
C GLU A 96 11.22 5.24 14.29
N GLY A 97 11.96 5.70 15.28
CA GLY A 97 12.02 7.10 15.67
C GLY A 97 12.02 7.13 17.17
N SER A 98 10.91 6.62 17.77
CA SER A 98 10.76 6.57 19.21
C SER A 98 11.96 5.87 19.80
N GLN A 99 12.50 6.43 20.89
CA GLN A 99 13.71 5.89 21.49
C GLN A 99 13.55 4.45 21.95
N ILE A 100 12.33 4.00 22.30
CA ILE A 100 12.08 2.59 22.69
C ILE A 100 12.60 1.62 21.59
N TYR A 101 12.33 1.96 20.31
CA TYR A 101 12.75 1.28 19.09
C TYR A 101 14.26 1.45 18.91
N GLU A 102 14.77 2.70 18.96
CA GLU A 102 16.20 3.02 18.80
C GLU A 102 17.04 2.54 19.99
N ASP A 103 16.40 1.97 21.02
CA ASP A 103 17.04 1.42 22.21
C ASP A 103 17.23 -0.06 22.09
N SER A 104 16.27 -0.77 21.46
CA SER A 104 16.35 -2.22 21.24
C SER A 104 17.61 -2.56 20.45
N ILE A 105 17.90 -1.74 19.42
CA ILE A 105 19.03 -1.80 18.50
C ILE A 105 20.35 -1.76 19.27
N VAL A 106 20.47 -0.83 20.23
CA VAL A 106 21.66 -0.66 21.06
C VAL A 106 21.96 -1.95 21.79
N LEU A 107 21.03 -2.39 22.66
CA LEU A 107 21.12 -3.62 23.45
C LEU A 107 21.29 -4.85 22.58
N GLN A 108 20.84 -4.80 21.32
CA GLN A 108 20.95 -5.86 20.32
C GLN A 108 22.41 -5.95 19.79
N SER A 109 23.07 -4.79 19.55
CA SER A 109 24.47 -4.70 19.11
C SER A 109 25.38 -5.00 20.34
N VAL A 110 25.06 -4.34 21.48
CA VAL A 110 25.71 -4.41 22.80
C VAL A 110 25.72 -5.81 23.35
N PHE A 111 24.61 -6.55 23.23
CA PHE A 111 24.54 -7.91 23.72
C PHE A 111 25.54 -8.83 23.03
N LYS A 112 25.60 -8.79 21.70
CA LYS A 112 26.51 -9.62 20.93
C LYS A 112 27.97 -9.24 21.17
N SER A 113 28.20 -8.04 21.71
CA SER A 113 29.52 -7.53 22.10
C SER A 113 29.94 -8.07 23.49
N ALA A 114 28.95 -8.44 24.32
CA ALA A 114 29.15 -9.04 25.63
C ALA A 114 29.26 -10.56 25.44
N ARG A 115 28.89 -11.06 24.23
CA ARG A 115 28.98 -12.46 23.79
C ARG A 115 30.32 -12.65 23.04
N GLN A 116 30.82 -11.55 22.42
CA GLN A 116 32.11 -11.43 21.74
C GLN A 116 33.21 -11.51 22.82
N LYS A 117 32.86 -11.08 24.05
CA LYS A 117 33.65 -11.09 25.29
C LYS A 117 34.02 -12.53 25.70
N ILE A 118 33.04 -13.46 25.68
CA ILE A 118 33.20 -14.86 26.07
C ILE A 118 34.06 -15.64 25.03
N ALA A 119 33.55 -15.84 23.80
CA ALA A 119 34.25 -16.57 22.75
C ALA A 119 35.32 -15.71 22.10
N MET B 1 -22.55 10.52 -13.13
CA MET B 1 -21.13 10.82 -13.31
C MET B 1 -20.52 10.05 -14.52
N ASP B 2 -19.43 9.29 -14.31
CA ASP B 2 -18.72 8.58 -15.39
C ASP B 2 -18.90 7.04 -15.45
N VAL B 3 -18.41 6.44 -16.56
CA VAL B 3 -18.37 5.01 -16.90
C VAL B 3 -17.07 4.71 -17.68
N PHE B 4 -16.32 3.66 -17.26
CA PHE B 4 -15.05 3.19 -17.89
C PHE B 4 -15.29 1.76 -18.38
N LEU B 5 -14.98 1.49 -19.65
CA LEU B 5 -15.33 0.24 -20.31
C LEU B 5 -14.24 -0.40 -21.16
N MET B 6 -14.34 -1.73 -21.31
CA MET B 6 -13.43 -2.52 -22.14
C MET B 6 -14.22 -3.08 -23.31
N ILE B 7 -14.08 -2.45 -24.48
CA ILE B 7 -14.77 -2.94 -25.67
C ILE B 7 -13.93 -4.09 -26.22
N ARG B 8 -14.27 -5.29 -25.75
CA ARG B 8 -13.54 -6.51 -26.08
C ARG B 8 -14.12 -7.20 -27.30
N ARG B 9 -13.28 -7.54 -28.29
CA ARG B 9 -13.69 -8.27 -29.50
C ARG B 9 -12.50 -9.08 -30.06
N HIS B 10 -12.50 -10.40 -29.79
CA HIS B 10 -11.47 -11.38 -30.14
C HIS B 10 -10.22 -11.05 -29.28
N LYS B 11 -9.07 -10.75 -29.91
CA LYS B 11 -7.85 -10.37 -29.21
C LYS B 11 -7.84 -8.84 -28.87
N THR B 12 -8.70 -8.04 -29.58
CA THR B 12 -8.86 -6.58 -29.40
C THR B 12 -9.52 -6.23 -28.04
N THR B 13 -9.17 -5.06 -27.50
CA THR B 13 -9.68 -4.55 -26.23
C THR B 13 -9.57 -3.04 -26.30
N ILE B 14 -10.71 -2.30 -26.32
CA ILE B 14 -10.69 -0.83 -26.41
C ILE B 14 -11.21 -0.16 -25.12
N PHE B 15 -10.29 0.46 -24.37
CA PHE B 15 -10.52 1.13 -23.09
C PHE B 15 -10.87 2.61 -23.23
N THR B 16 -12.16 2.90 -23.28
CA THR B 16 -12.63 4.27 -23.40
C THR B 16 -13.40 4.67 -22.11
N ASP B 17 -14.08 5.81 -22.12
CA ASP B 17 -14.85 6.28 -20.99
C ASP B 17 -15.88 7.28 -21.44
N ALA B 18 -17.15 6.91 -21.30
CA ALA B 18 -18.27 7.79 -21.66
C ALA B 18 -18.82 8.48 -20.39
N LYS B 19 -20.15 8.81 -20.39
CA LYS B 19 -20.87 9.45 -19.28
C LYS B 19 -22.07 8.59 -18.88
N GLU B 20 -22.40 8.55 -17.57
CA GLU B 20 -23.54 7.82 -17.01
C GLU B 20 -24.81 8.10 -17.85
N SER B 21 -24.91 9.38 -18.30
CA SER B 21 -25.97 10.03 -19.10
C SER B 21 -26.12 9.52 -20.56
N SER B 22 -24.99 9.43 -21.29
CA SER B 22 -24.89 9.02 -22.68
C SER B 22 -25.61 7.68 -23.02
N THR B 23 -25.74 7.39 -24.34
CA THR B 23 -26.38 6.19 -24.90
C THR B 23 -25.43 5.39 -25.84
N VAL B 24 -25.93 4.27 -26.30
CA VAL B 24 -25.32 3.25 -27.16
C VAL B 24 -24.58 3.79 -28.44
N PHE B 25 -25.25 4.59 -29.33
CA PHE B 25 -24.65 5.12 -30.58
C PHE B 25 -23.42 5.98 -30.30
N GLU B 26 -23.52 6.77 -29.23
CA GLU B 26 -22.52 7.72 -28.73
C GLU B 26 -21.17 7.06 -28.49
N LEU B 27 -21.19 5.78 -28.09
CA LEU B 27 -20.01 4.94 -27.89
C LEU B 27 -19.50 4.50 -29.26
N LYS B 28 -20.43 4.19 -30.19
CA LYS B 28 -20.15 3.73 -31.55
C LYS B 28 -19.43 4.80 -32.37
N ARG B 29 -19.66 6.10 -32.04
CA ARG B 29 -18.95 7.22 -32.67
C ARG B 29 -17.50 7.20 -32.19
N ILE B 30 -17.27 6.78 -30.90
CA ILE B 30 -15.93 6.64 -30.28
C ILE B 30 -15.16 5.54 -31.03
N VAL B 31 -15.82 4.36 -31.24
CA VAL B 31 -15.33 3.19 -32.01
C VAL B 31 -15.05 3.65 -33.47
N GLU B 32 -15.99 4.47 -34.04
CA GLU B 32 -15.94 5.08 -35.38
C GLU B 32 -14.81 6.14 -35.40
N GLY B 33 -13.96 6.09 -34.39
CA GLY B 33 -12.78 6.94 -34.27
C GLY B 33 -11.54 6.06 -34.19
N ILE B 34 -11.58 5.04 -33.31
CA ILE B 34 -10.50 4.06 -33.05
C ILE B 34 -10.27 3.12 -34.25
N LEU B 35 -11.38 2.53 -34.76
CA LEU B 35 -11.39 1.59 -35.88
C LEU B 35 -11.84 2.30 -37.16
N LYS B 36 -12.59 3.40 -36.98
CA LYS B 36 -13.19 4.25 -38.01
C LYS B 36 -14.36 3.53 -38.76
N ARG B 37 -15.02 2.54 -38.09
CA ARG B 37 -16.13 1.73 -38.63
C ARG B 37 -17.55 2.31 -38.35
N PRO B 38 -18.41 2.39 -39.41
CA PRO B 38 -19.75 2.99 -39.26
C PRO B 38 -20.80 2.27 -38.38
N PRO B 39 -21.62 3.01 -37.60
CA PRO B 39 -22.63 2.36 -36.74
C PRO B 39 -23.91 1.98 -37.51
N ASP B 40 -23.95 0.70 -37.88
CA ASP B 40 -24.96 -0.11 -38.60
C ASP B 40 -24.22 -1.40 -38.97
N GLU B 41 -22.90 -1.27 -39.08
CA GLU B 41 -21.89 -2.30 -39.33
C GLU B 41 -21.38 -2.68 -37.93
N GLN B 42 -21.93 -1.98 -36.90
CA GLN B 42 -21.67 -2.12 -35.49
C GLN B 42 -22.95 -2.62 -34.76
N ARG B 43 -22.82 -3.74 -34.00
CA ARG B 43 -23.88 -4.36 -33.20
C ARG B 43 -23.36 -4.46 -31.76
N LEU B 44 -23.71 -3.45 -30.92
CA LEU B 44 -23.28 -3.40 -29.52
C LEU B 44 -24.02 -4.40 -28.64
N TYR B 45 -23.25 -5.13 -27.80
CA TYR B 45 -23.70 -6.19 -26.90
C TYR B 45 -23.24 -5.96 -25.44
N LYS B 46 -23.96 -6.58 -24.48
CA LYS B 46 -23.73 -6.57 -23.02
C LYS B 46 -24.54 -7.76 -22.46
N ASP B 47 -23.81 -8.80 -22.02
CA ASP B 47 -24.30 -10.10 -21.52
C ASP B 47 -24.68 -11.05 -22.70
N ASP B 48 -25.07 -10.45 -23.83
CA ASP B 48 -25.51 -10.93 -25.13
C ASP B 48 -26.75 -10.12 -25.45
N GLN B 49 -26.93 -9.03 -24.70
CA GLN B 49 -28.08 -8.21 -24.98
C GLN B 49 -27.70 -6.97 -25.75
N LEU B 50 -28.10 -7.05 -27.02
CA LEU B 50 -28.05 -6.10 -28.12
C LEU B 50 -28.85 -4.90 -27.65
N LEU B 51 -28.10 -3.85 -27.31
CA LEU B 51 -28.57 -2.64 -26.66
C LEU B 51 -29.65 -1.84 -27.45
N ASP B 52 -29.31 -0.66 -28.05
CA ASP B 52 -30.28 0.18 -28.77
C ASP B 52 -29.64 1.13 -29.81
N ASP B 53 -29.02 2.23 -29.32
CA ASP B 53 -28.34 3.39 -29.95
C ASP B 53 -28.81 4.71 -29.27
N GLY B 54 -29.95 4.63 -28.57
CA GLY B 54 -30.59 5.70 -27.83
C GLY B 54 -31.10 5.26 -26.47
N LYS B 55 -30.43 4.25 -25.83
CA LYS B 55 -30.76 3.73 -24.48
C LYS B 55 -29.63 4.16 -23.52
N THR B 56 -29.99 4.93 -22.46
CA THR B 56 -29.05 5.48 -21.46
C THR B 56 -28.24 4.43 -20.73
N LEU B 57 -26.94 4.72 -20.57
CA LEU B 57 -25.95 3.85 -19.95
C LEU B 57 -26.36 3.45 -18.53
N GLY B 58 -26.86 4.40 -17.73
CA GLY B 58 -27.34 4.13 -16.38
C GLY B 58 -28.43 3.07 -16.32
N GLU B 59 -29.37 3.11 -17.31
CA GLU B 59 -30.51 2.18 -17.44
C GLU B 59 -30.06 0.73 -17.65
N CYS B 60 -29.15 0.51 -18.64
CA CYS B 60 -28.60 -0.80 -19.07
C CYS B 60 -27.51 -1.39 -18.15
N GLY B 61 -27.36 -0.85 -16.95
CA GLY B 61 -26.44 -1.35 -15.92
C GLY B 61 -25.21 -0.53 -15.68
N PHE B 62 -24.85 0.31 -16.65
CA PHE B 62 -23.63 1.13 -16.61
C PHE B 62 -23.77 2.38 -15.74
N THR B 63 -23.37 2.27 -14.47
CA THR B 63 -23.40 3.38 -13.52
C THR B 63 -21.98 3.71 -13.12
N SER B 64 -21.82 4.64 -12.15
CA SER B 64 -20.54 5.00 -11.57
C SER B 64 -20.13 3.85 -10.61
N GLN B 65 -21.13 3.07 -10.15
CA GLN B 65 -20.99 1.93 -9.27
C GLN B 65 -20.37 0.71 -9.97
N THR B 66 -20.80 0.38 -11.21
CA THR B 66 -20.30 -0.80 -11.95
C THR B 66 -19.74 -0.47 -13.38
N ALA B 67 -18.55 0.14 -13.40
CA ALA B 67 -17.73 0.57 -14.56
C ALA B 67 -16.57 1.42 -14.01
N ARG B 68 -15.96 0.92 -12.92
CA ARG B 68 -14.84 1.53 -12.21
C ARG B 68 -13.58 1.53 -13.08
N PRO B 69 -12.73 2.58 -13.06
CA PRO B 69 -11.54 2.60 -13.95
C PRO B 69 -10.62 1.38 -13.82
N GLN B 70 -10.44 0.86 -12.59
CA GLN B 70 -9.60 -0.30 -12.28
C GLN B 70 -10.41 -1.62 -12.28
N ALA B 71 -11.72 -1.50 -12.58
CA ALA B 71 -12.66 -2.61 -12.71
C ALA B 71 -13.63 -2.24 -13.86
N PRO B 72 -13.11 -2.05 -15.11
CA PRO B 72 -14.00 -1.66 -16.22
C PRO B 72 -14.92 -2.77 -16.74
N ALA B 73 -16.11 -2.36 -17.18
CA ALA B 73 -17.16 -3.24 -17.68
C ALA B 73 -16.89 -3.68 -19.10
N THR B 74 -17.10 -4.99 -19.39
CA THR B 74 -16.86 -5.53 -20.71
C THR B 74 -18.10 -5.37 -21.59
N VAL B 75 -17.88 -4.66 -22.72
CA VAL B 75 -18.87 -4.35 -23.74
C VAL B 75 -18.42 -4.99 -25.04
N GLY B 76 -18.92 -6.19 -25.32
CA GLY B 76 -18.60 -6.95 -26.53
C GLY B 76 -19.19 -6.33 -27.78
N LEU B 77 -18.50 -6.48 -28.94
CA LEU B 77 -18.97 -5.87 -30.21
C LEU B 77 -18.96 -6.82 -31.43
N ALA B 78 -20.15 -7.01 -32.04
CA ALA B 78 -20.35 -7.81 -33.24
C ALA B 78 -20.23 -6.89 -34.45
N PHE B 79 -19.86 -7.44 -35.62
CA PHE B 79 -19.66 -6.67 -36.86
C PHE B 79 -20.43 -7.17 -38.10
N ARG B 80 -20.93 -6.23 -38.94
CA ARG B 80 -21.69 -6.57 -40.16
C ARG B 80 -20.80 -6.88 -41.34
N ALA B 81 -21.08 -8.02 -41.97
CA ALA B 81 -20.38 -8.53 -43.14
C ALA B 81 -21.42 -9.10 -44.12
N ASP B 82 -21.77 -8.30 -45.16
CA ASP B 82 -22.72 -8.59 -46.25
C ASP B 82 -24.18 -8.75 -45.76
N ASP B 83 -24.73 -7.66 -45.16
CA ASP B 83 -26.07 -7.56 -44.56
C ASP B 83 -26.20 -8.42 -43.30
N THR B 84 -25.80 -9.70 -43.41
CA THR B 84 -25.77 -10.72 -42.35
C THR B 84 -24.73 -10.29 -41.32
N PHE B 85 -25.02 -10.49 -40.03
CA PHE B 85 -24.07 -10.13 -39.01
C PHE B 85 -23.21 -11.32 -38.61
N GLU B 86 -22.14 -11.08 -37.82
CA GLU B 86 -21.24 -12.11 -37.28
C GLU B 86 -21.63 -12.45 -35.83
N ALA B 87 -21.13 -13.60 -35.33
CA ALA B 87 -21.36 -14.04 -33.95
C ALA B 87 -20.41 -13.27 -33.06
N LEU B 88 -20.87 -12.86 -31.87
CA LEU B 88 -20.02 -12.13 -30.93
C LEU B 88 -18.91 -13.05 -30.38
N CYS B 89 -17.65 -12.66 -30.60
CA CYS B 89 -16.52 -13.47 -30.16
C CYS B 89 -15.44 -12.63 -29.48
N ILE B 90 -14.97 -13.12 -28.32
CA ILE B 90 -13.89 -12.55 -27.52
C ILE B 90 -13.04 -13.68 -27.00
N GLU B 91 -11.78 -13.73 -27.44
CA GLU B 91 -10.86 -14.75 -26.97
C GLU B 91 -10.43 -14.31 -25.56
N PRO B 92 -10.62 -15.16 -24.52
CA PRO B 92 -10.36 -14.73 -23.13
C PRO B 92 -8.91 -14.40 -22.78
N PHE B 93 -8.75 -13.68 -21.66
CA PHE B 93 -7.43 -13.31 -21.19
C PHE B 93 -6.74 -14.47 -20.54
N SER B 94 -5.41 -14.58 -20.83
CA SER B 94 -4.49 -15.60 -20.32
C SER B 94 -4.67 -15.81 -18.82
N SER B 95 -4.81 -17.07 -18.41
CA SER B 95 -5.02 -17.47 -17.02
C SER B 95 -3.84 -17.04 -16.11
N PRO B 96 -4.08 -16.32 -14.96
CA PRO B 96 -2.95 -15.95 -14.08
C PRO B 96 -2.25 -17.23 -13.57
N PRO B 97 -0.92 -17.39 -13.85
CA PRO B 97 -0.21 -18.62 -13.46
C PRO B 97 -0.29 -19.01 -12.00
N GLU B 98 0.30 -20.17 -11.71
CA GLU B 98 0.37 -20.80 -10.40
C GLU B 98 0.78 -19.80 -9.31
N LEU B 99 0.19 -19.94 -8.10
CA LEU B 99 0.53 -19.08 -6.96
C LEU B 99 1.77 -19.66 -6.23
N PRO B 100 2.83 -18.84 -5.98
CA PRO B 100 4.04 -19.35 -5.28
C PRO B 100 3.76 -19.97 -3.91
N ASP B 101 4.58 -20.94 -3.52
CA ASP B 101 4.39 -21.71 -2.30
C ASP B 101 4.69 -20.93 -1.01
N VAL B 102 5.30 -19.72 -1.12
CA VAL B 102 5.58 -18.79 0.00
C VAL B 102 4.40 -17.81 0.13
N MET B 103 3.68 -17.60 -1.01
CA MET B 103 2.51 -16.75 -1.22
C MET B 103 1.23 -17.43 -0.77
N LYS B 104 1.14 -18.76 -0.99
CA LYS B 104 -0.02 -19.55 -0.58
C LYS B 104 -0.27 -19.36 0.94
N MET C 1 -8.87 12.71 -29.25
CA MET C 1 -8.38 11.76 -28.25
C MET C 1 -7.72 10.58 -28.97
N MET C 2 -6.38 10.61 -29.06
CA MET C 2 -5.57 9.57 -29.73
C MET C 2 -5.50 8.28 -28.90
N TYR C 3 -5.22 7.13 -29.55
CA TYR C 3 -5.12 5.81 -28.91
C TYR C 3 -3.96 5.02 -29.51
N VAL C 4 -3.27 4.17 -28.71
CA VAL C 4 -2.10 3.37 -29.13
C VAL C 4 -2.29 1.86 -28.99
N LYS C 5 -1.67 1.07 -29.87
CA LYS C 5 -1.80 -0.38 -29.84
C LYS C 5 -0.67 -1.07 -29.10
N LEU C 6 -1.00 -1.57 -27.92
CA LEU C 6 -0.12 -2.33 -27.03
C LEU C 6 -0.40 -3.82 -27.26
N ILE C 7 0.63 -4.59 -27.62
CA ILE C 7 0.43 -5.99 -27.90
C ILE C 7 1.38 -6.84 -27.05
N SER C 8 0.88 -7.97 -26.58
CA SER C 8 1.56 -8.86 -25.67
C SER C 8 2.15 -10.12 -26.31
N SER C 9 2.41 -11.14 -25.45
CA SER C 9 2.96 -12.46 -25.77
C SER C 9 1.88 -13.46 -26.21
N ASP C 10 0.67 -12.94 -26.52
CA ASP C 10 -0.46 -13.71 -26.99
C ASP C 10 -1.31 -12.94 -28.00
N GLY C 11 -0.65 -12.07 -28.77
CA GLY C 11 -1.27 -11.24 -29.81
C GLY C 11 -2.40 -10.31 -29.39
N HIS C 12 -2.74 -10.28 -28.07
CA HIS C 12 -3.82 -9.48 -27.48
C HIS C 12 -3.64 -7.97 -27.67
N GLU C 13 -4.42 -7.39 -28.61
CA GLU C 13 -4.43 -5.96 -28.97
C GLU C 13 -5.07 -5.16 -27.84
N PHE C 14 -4.46 -4.02 -27.49
CA PHE C 14 -4.93 -3.15 -26.41
C PHE C 14 -4.98 -1.71 -26.78
N ILE C 15 -6.13 -1.27 -27.24
CA ILE C 15 -6.27 0.12 -27.60
C ILE C 15 -6.63 0.94 -26.34
N VAL C 16 -5.66 1.75 -25.88
CA VAL C 16 -5.80 2.63 -24.71
C VAL C 16 -5.42 4.04 -25.11
N LYS C 17 -6.15 5.05 -24.56
CA LYS C 17 -5.94 6.47 -24.84
C LYS C 17 -4.48 6.87 -24.68
N ARG C 18 -3.90 7.45 -25.75
CA ARG C 18 -2.51 7.88 -25.85
C ARG C 18 -2.03 8.69 -24.62
N GLU C 19 -2.91 9.57 -24.04
CA GLU C 19 -2.61 10.37 -22.82
C GLU C 19 -2.53 9.51 -21.54
N HIS C 20 -3.49 8.53 -21.39
CA HIS C 20 -3.61 7.53 -20.31
C HIS C 20 -2.41 6.57 -20.37
N ALA C 21 -2.08 6.13 -21.60
CA ALA C 21 -0.99 5.20 -21.94
C ALA C 21 0.42 5.83 -21.86
N LEU C 22 0.49 7.17 -21.73
CA LEU C 22 1.77 7.86 -21.61
C LEU C 22 2.24 8.00 -20.15
N THR C 23 1.38 7.57 -19.20
CA THR C 23 1.63 7.54 -17.75
C THR C 23 2.85 6.66 -17.44
N SER C 24 3.15 5.69 -18.33
CA SER C 24 4.31 4.80 -18.23
C SER C 24 5.57 5.57 -18.61
N GLY C 25 6.60 5.43 -17.78
CA GLY C 25 7.90 6.07 -17.99
C GLY C 25 8.70 5.44 -19.11
N THR C 26 8.52 4.11 -19.31
CA THR C 26 9.18 3.29 -20.34
C THR C 26 8.51 3.49 -21.71
N ILE C 27 7.16 3.47 -21.77
CA ILE C 27 6.38 3.69 -23.02
C ILE C 27 6.62 5.11 -23.59
N LYS C 28 6.71 6.13 -22.72
CA LYS C 28 6.98 7.54 -23.02
C LYS C 28 8.24 7.74 -23.90
N ALA C 29 9.32 6.99 -23.59
CA ALA C 29 10.58 7.04 -24.34
C ALA C 29 10.40 6.63 -25.82
N MET C 30 9.53 5.63 -26.08
CA MET C 30 9.22 5.10 -27.41
C MET C 30 8.11 5.89 -28.15
N LEU C 31 7.81 7.10 -27.67
CA LEU C 31 6.82 8.01 -28.24
C LEU C 31 7.34 9.46 -28.32
N SER C 32 8.15 9.88 -27.32
CA SER C 32 8.80 11.18 -27.19
C SER C 32 9.60 11.26 -25.90
N ASN C 43 3.33 4.09 -31.49
CA ASN C 43 1.98 3.73 -31.92
C ASN C 43 1.73 2.24 -31.68
N GLU C 44 2.54 1.36 -32.32
CA GLU C 44 2.44 -0.09 -32.18
C GLU C 44 3.56 -0.58 -31.25
N VAL C 45 3.22 -0.86 -29.98
CA VAL C 45 4.19 -1.34 -28.98
C VAL C 45 3.99 -2.81 -28.73
N ASN C 46 5.09 -3.55 -28.67
CA ASN C 46 5.03 -4.99 -28.46
C ASN C 46 5.85 -5.45 -27.27
N PHE C 47 5.36 -6.49 -26.58
CA PHE C 47 5.99 -7.11 -25.42
C PHE C 47 6.16 -8.62 -25.63
N ARG C 48 6.78 -9.30 -24.67
CA ARG C 48 7.01 -10.75 -24.72
C ARG C 48 7.08 -11.32 -23.30
N GLU C 49 7.67 -10.55 -22.38
CA GLU C 49 7.77 -10.87 -20.96
C GLU C 49 6.40 -10.65 -20.30
N ILE C 50 5.53 -9.88 -21.00
CA ILE C 50 4.21 -9.50 -20.53
C ILE C 50 3.09 -10.30 -21.21
N PRO C 51 2.25 -11.01 -20.40
CA PRO C 51 1.09 -11.73 -20.97
C PRO C 51 -0.11 -10.80 -21.24
N SER C 52 -1.34 -11.32 -21.32
CA SER C 52 -2.50 -10.46 -21.56
C SER C 52 -3.14 -10.03 -20.26
N HIS C 53 -3.33 -10.99 -19.31
CA HIS C 53 -3.97 -10.80 -18.00
C HIS C 53 -3.31 -9.72 -17.16
N VAL C 54 -1.99 -9.52 -17.34
CA VAL C 54 -1.22 -8.47 -16.68
C VAL C 54 -1.43 -7.16 -17.44
N LEU C 55 -1.34 -7.22 -18.77
CA LEU C 55 -1.51 -6.04 -19.61
C LEU C 55 -2.86 -5.37 -19.39
N SER C 56 -3.97 -6.13 -19.32
CA SER C 56 -5.27 -5.51 -19.08
C SER C 56 -5.29 -4.82 -17.72
N LYS C 57 -4.59 -5.41 -16.69
CA LYS C 57 -4.51 -4.85 -15.34
C LYS C 57 -3.66 -3.62 -15.32
N VAL C 58 -2.62 -3.59 -16.14
CA VAL C 58 -1.78 -2.42 -16.24
C VAL C 58 -2.55 -1.28 -16.89
N CYS C 59 -3.41 -1.60 -17.88
CA CYS C 59 -4.28 -0.63 -18.57
C CYS C 59 -5.27 -0.11 -17.55
N MET C 60 -5.83 -1.01 -16.71
CA MET C 60 -6.77 -0.67 -15.65
C MET C 60 -6.14 0.24 -14.61
N TYR C 61 -4.82 0.12 -14.38
CA TYR C 61 -4.09 1.00 -13.49
C TYR C 61 -3.95 2.35 -14.20
N PHE C 62 -3.60 2.33 -15.51
CA PHE C 62 -3.49 3.54 -16.32
C PHE C 62 -4.80 4.34 -16.25
N THR C 63 -5.96 3.68 -16.52
CA THR C 63 -7.29 4.30 -16.47
C THR C 63 -7.40 5.05 -15.17
N TYR C 64 -7.32 4.30 -14.09
CA TYR C 64 -7.41 4.72 -12.70
C TYR C 64 -6.56 5.91 -12.41
N LYS C 65 -5.21 5.79 -12.51
CA LYS C 65 -4.24 6.85 -12.19
C LYS C 65 -4.71 8.25 -12.62
N VAL C 66 -4.84 8.52 -13.94
CA VAL C 66 -5.25 9.83 -14.46
C VAL C 66 -6.55 10.31 -13.76
N ARG C 67 -7.59 9.47 -13.76
CA ARG C 67 -8.90 9.77 -13.19
C ARG C 67 -8.92 10.11 -11.68
N TYR C 68 -8.02 9.52 -10.87
CA TYR C 68 -8.02 9.79 -9.41
C TYR C 68 -6.75 10.56 -8.91
N THR C 69 -5.80 10.86 -9.83
CA THR C 69 -4.59 11.63 -9.51
C THR C 69 -5.01 13.10 -9.39
N ASN C 70 -4.34 13.85 -8.49
CA ASN C 70 -4.54 15.30 -8.24
C ASN C 70 -5.94 15.67 -7.66
N SER C 71 -7.01 14.87 -7.96
CA SER C 71 -8.39 15.11 -7.50
C SER C 71 -8.57 14.89 -6.00
N SER C 72 -9.01 15.96 -5.29
CA SER C 72 -9.25 16.02 -3.83
C SER C 72 -10.45 15.18 -3.36
N THR C 73 -11.16 14.55 -4.30
CA THR C 73 -12.27 13.65 -4.02
C THR C 73 -11.65 12.38 -3.44
N GLU C 74 -12.39 11.63 -2.62
CA GLU C 74 -11.85 10.40 -2.00
C GLU C 74 -11.54 9.33 -3.04
N ILE C 75 -10.35 8.73 -2.88
CA ILE C 75 -9.75 7.77 -3.80
C ILE C 75 -10.08 6.29 -3.44
N PRO C 76 -10.60 5.47 -4.40
CA PRO C 76 -10.90 4.06 -4.07
C PRO C 76 -9.66 3.15 -3.90
N GLU C 77 -9.88 1.85 -3.54
CA GLU C 77 -8.85 0.82 -3.33
C GLU C 77 -8.45 0.12 -4.62
N PHE C 78 -7.15 0.13 -4.97
CA PHE C 78 -6.72 -0.57 -6.18
C PHE C 78 -6.63 -2.05 -5.88
N PRO C 79 -7.26 -2.93 -6.69
CA PRO C 79 -7.29 -4.36 -6.31
C PRO C 79 -6.32 -5.23 -7.08
N ILE C 80 -5.51 -6.00 -6.36
CA ILE C 80 -4.61 -6.87 -7.12
C ILE C 80 -4.89 -8.31 -6.76
N ALA C 81 -5.13 -9.12 -7.79
CA ALA C 81 -5.36 -10.55 -7.67
C ALA C 81 -4.02 -11.18 -7.16
N PRO C 82 -4.03 -11.99 -6.08
CA PRO C 82 -2.78 -12.53 -5.52
C PRO C 82 -1.68 -12.99 -6.50
N GLU C 83 -2.00 -13.90 -7.46
CA GLU C 83 -1.04 -14.48 -8.43
C GLU C 83 -0.55 -13.51 -9.47
N ILE C 84 -1.39 -12.51 -9.85
CA ILE C 84 -1.01 -11.49 -10.83
C ILE C 84 -0.06 -10.47 -10.21
N ALA C 85 -0.03 -10.38 -8.84
CA ALA C 85 0.77 -9.43 -8.06
C ALA C 85 2.28 -9.43 -8.36
N LEU C 86 2.93 -10.60 -8.53
CA LEU C 86 4.36 -10.64 -8.84
C LEU C 86 4.49 -10.35 -10.31
N GLU C 87 3.61 -10.98 -11.11
CA GLU C 87 3.57 -10.84 -12.56
C GLU C 87 3.50 -9.36 -12.92
N LEU C 88 2.78 -8.60 -12.07
CA LEU C 88 2.58 -7.17 -12.18
C LEU C 88 3.72 -6.44 -11.49
N LEU C 89 4.31 -7.01 -10.43
CA LEU C 89 5.42 -6.37 -9.73
C LEU C 89 6.60 -6.10 -10.66
N MET C 90 6.94 -7.06 -11.56
CA MET C 90 8.05 -6.88 -12.53
C MET C 90 7.61 -6.07 -13.74
N ALA C 91 6.28 -6.01 -13.99
CA ALA C 91 5.69 -5.21 -15.05
C ALA C 91 5.73 -3.69 -14.66
N ALA C 92 5.47 -3.38 -13.36
CA ALA C 92 5.52 -2.02 -12.79
C ALA C 92 6.97 -1.58 -12.68
N ASN C 93 7.89 -2.56 -12.61
CA ASN C 93 9.33 -2.37 -12.54
C ASN C 93 9.76 -1.92 -13.93
N PHE C 94 9.38 -2.72 -14.95
CA PHE C 94 9.69 -2.48 -16.34
C PHE C 94 9.04 -1.22 -16.88
N LEU C 95 7.70 -1.20 -16.94
CA LEU C 95 6.95 -0.09 -17.51
C LEU C 95 7.04 1.20 -16.70
N ASP C 96 7.82 1.15 -15.60
CA ASP C 96 8.06 2.19 -14.60
C ASP C 96 6.77 3.00 -14.29
N CYS C 97 5.83 2.26 -13.62
CA CYS C 97 4.48 2.59 -13.09
C CYS C 97 3.66 3.58 -14.00
N PRO D 10 14.00 17.55 15.43
CA PRO D 10 14.12 17.93 14.03
C PRO D 10 13.41 19.26 13.74
N VAL D 11 12.90 19.44 12.51
CA VAL D 11 12.14 20.61 12.07
C VAL D 11 10.63 20.28 12.25
N LEU D 12 10.30 18.96 12.45
CA LEU D 12 8.95 18.38 12.66
C LEU D 12 8.79 17.74 14.04
N ARG D 13 7.87 18.31 14.83
CA ARG D 13 7.55 17.89 16.20
C ARG D 13 6.26 18.61 16.66
N SER D 14 5.72 18.21 17.82
CA SER D 14 4.55 18.89 18.36
C SER D 14 4.91 20.18 19.09
N VAL D 15 3.90 21.03 19.35
CA VAL D 15 4.02 22.31 20.04
C VAL D 15 3.26 22.22 21.40
N ASN D 16 4.00 22.25 22.56
CA ASN D 16 3.40 22.17 23.92
C ASN D 16 2.72 23.48 24.32
N SER D 17 1.69 23.79 23.55
CA SER D 17 0.85 24.96 23.65
C SER D 17 -0.10 24.78 24.84
N ARG D 18 -0.51 23.50 25.10
CA ARG D 18 -1.45 23.07 26.13
C ARG D 18 -2.89 23.61 25.84
N GLU D 19 -3.14 24.17 24.61
CA GLU D 19 -4.42 24.75 24.14
C GLU D 19 -5.26 23.66 23.47
N PRO D 20 -6.33 23.11 24.15
CA PRO D 20 -7.10 22.01 23.55
C PRO D 20 -7.90 22.38 22.29
N SER D 21 -8.17 21.36 21.44
CA SER D 21 -8.90 21.45 20.18
C SER D 21 -9.42 20.05 19.85
N GLN D 22 -10.75 19.87 19.86
CA GLN D 22 -11.35 18.57 19.60
C GLN D 22 -11.37 18.25 18.13
N VAL D 23 -10.77 17.10 17.82
CA VAL D 23 -10.61 16.55 16.48
C VAL D 23 -11.54 15.36 16.26
N ILE D 24 -11.85 15.04 14.99
CA ILE D 24 -12.66 13.88 14.64
C ILE D 24 -11.97 13.19 13.48
N PHE D 25 -11.54 11.95 13.71
CA PHE D 25 -10.83 11.16 12.73
C PHE D 25 -11.75 10.44 11.79
N CYS D 26 -12.20 11.16 10.79
CA CYS D 26 -13.01 10.56 9.76
C CYS D 26 -12.04 9.66 8.94
N ASN D 27 -12.38 8.36 8.81
CA ASN D 27 -11.59 7.38 8.06
C ASN D 27 -12.33 7.01 6.78
N ARG D 28 -12.12 7.75 5.69
CA ARG D 28 -12.76 7.42 4.39
C ARG D 28 -11.94 6.39 3.60
N SER D 29 -10.99 5.73 4.30
CA SER D 29 -10.04 4.73 3.80
C SER D 29 -10.53 3.29 4.05
N PRO D 30 -10.14 2.31 3.20
CA PRO D 30 -10.57 0.93 3.45
C PRO D 30 -9.71 0.17 4.49
N ARG D 31 -8.56 0.74 4.93
CA ARG D 31 -7.59 0.10 5.83
C ARG D 31 -7.83 0.30 7.31
N VAL D 32 -6.97 -0.32 8.14
CA VAL D 32 -6.99 -0.12 9.59
C VAL D 32 -6.00 1.02 9.77
N VAL D 33 -6.52 2.25 9.73
CA VAL D 33 -5.74 3.48 9.82
C VAL D 33 -5.18 3.71 11.23
N LEU D 34 -3.89 3.91 11.32
CA LEU D 34 -3.25 4.17 12.60
C LEU D 34 -2.82 5.60 12.68
N PRO D 35 -3.21 6.29 13.77
CA PRO D 35 -2.70 7.64 13.98
C PRO D 35 -1.31 7.58 14.60
N VAL D 36 -0.48 8.56 14.25
CA VAL D 36 0.86 8.69 14.75
C VAL D 36 1.05 10.16 15.16
N TRP D 37 1.09 10.45 16.47
CA TRP D 37 1.31 11.81 16.97
C TRP D 37 2.78 11.95 17.29
N LEU D 38 3.46 12.88 16.63
CA LEU D 38 4.89 13.13 16.83
C LEU D 38 5.10 14.02 18.03
N ASN D 39 5.43 13.42 19.17
CA ASN D 39 5.62 14.11 20.44
C ASN D 39 6.58 15.30 20.32
N PHE D 40 6.45 16.26 21.24
CA PHE D 40 7.10 17.57 21.37
C PHE D 40 8.57 17.67 20.93
N ASP D 41 9.32 16.55 20.90
CA ASP D 41 10.70 16.51 20.41
C ASP D 41 10.80 15.80 19.04
N GLY D 42 10.44 14.52 18.97
CA GLY D 42 10.50 13.75 17.72
C GLY D 42 9.92 12.36 17.73
N GLU D 43 9.73 11.74 18.92
CA GLU D 43 9.17 10.39 19.12
C GLU D 43 7.80 10.19 18.44
N PRO D 44 7.66 9.37 17.35
CA PRO D 44 6.32 9.13 16.77
C PRO D 44 5.51 8.30 17.75
N GLN D 45 4.22 8.60 17.94
CA GLN D 45 3.45 7.85 18.94
C GLN D 45 2.36 6.94 18.34
N PRO D 46 2.30 5.65 18.74
CA PRO D 46 1.25 4.79 18.20
C PRO D 46 -0.09 4.95 18.93
N TYR D 47 -0.92 5.92 18.50
CA TYR D 47 -2.24 6.15 19.08
C TYR D 47 -3.27 5.07 18.60
N PRO D 48 -4.36 4.71 19.34
CA PRO D 48 -5.25 3.62 18.87
C PRO D 48 -5.79 3.72 17.43
N THR D 49 -6.08 2.55 16.82
CA THR D 49 -6.53 2.34 15.43
C THR D 49 -8.05 2.42 15.12
N LEU D 50 -8.35 3.01 13.96
CA LEU D 50 -9.70 3.24 13.42
C LEU D 50 -9.90 2.36 12.19
N PRO D 51 -10.79 1.35 12.22
CA PRO D 51 -11.01 0.53 11.01
C PRO D 51 -11.72 1.34 9.91
N PRO D 52 -11.92 0.80 8.68
CA PRO D 52 -12.64 1.57 7.63
C PRO D 52 -14.02 2.06 8.03
N GLY D 53 -14.18 3.37 7.98
CA GLY D 53 -15.43 4.04 8.31
C GLY D 53 -15.41 4.79 9.61
N THR D 54 -15.10 4.09 10.70
CA THR D 54 -15.05 4.64 12.06
C THR D 54 -14.50 6.06 12.13
N GLY D 55 -15.29 6.92 12.74
CA GLY D 55 -14.96 8.32 12.97
C GLY D 55 -14.88 8.64 14.46
N ARG D 56 -13.80 8.17 15.11
CA ARG D 56 -13.53 8.40 16.53
C ARG D 56 -13.11 9.89 16.77
N ARG D 57 -13.57 10.50 17.90
CA ARG D 57 -13.24 11.87 18.32
C ARG D 57 -11.91 11.86 19.08
N ILE D 58 -11.14 12.90 18.93
CA ILE D 58 -9.83 12.99 19.54
C ILE D 58 -9.72 14.28 20.34
N HIS D 59 -9.07 14.21 21.51
CA HIS D 59 -8.87 15.41 22.29
C HIS D 59 -7.38 15.80 22.20
N SER D 60 -6.98 16.25 20.99
CA SER D 60 -5.62 16.70 20.70
C SER D 60 -5.50 18.23 20.95
N TYR D 61 -4.39 18.86 20.55
CA TYR D 61 -4.19 20.29 20.78
C TYR D 61 -3.79 20.98 19.48
N ARG D 62 -3.79 22.33 19.45
CA ARG D 62 -3.34 23.09 18.29
C ARG D 62 -1.80 23.14 18.30
N GLY D 63 -1.18 22.91 17.15
CA GLY D 63 0.28 22.87 17.05
C GLY D 63 0.80 21.45 17.15
N HIS D 64 -0.10 20.49 17.41
CA HIS D 64 0.23 19.08 17.49
C HIS D 64 0.27 18.47 16.08
N LEU D 65 0.92 17.31 15.92
CA LEU D 65 1.11 16.70 14.63
C LEU D 65 0.64 15.27 14.55
N TRP D 66 -0.16 14.96 13.53
CA TRP D 66 -0.65 13.61 13.29
C TRP D 66 -0.36 13.22 11.86
N LEU D 67 -0.07 11.94 11.63
CA LEU D 67 0.19 11.34 10.30
C LEU D 67 -0.51 9.99 10.27
N PHE D 68 -0.75 9.38 9.10
CA PHE D 68 -1.52 8.13 9.12
C PHE D 68 -0.94 6.96 8.25
N ARG D 69 -1.01 5.71 8.78
CA ARG D 69 -0.46 4.49 8.17
C ARG D 69 -1.36 3.27 8.36
N ASP D 70 -1.43 2.34 7.39
CA ASP D 70 -2.17 1.08 7.55
C ASP D 70 -1.46 0.32 8.66
N ALA D 71 -2.22 -0.18 9.68
CA ALA D 71 -1.76 -0.87 10.90
C ALA D 71 -0.82 -2.13 10.74
N GLY D 72 -0.86 -2.77 9.58
CA GLY D 72 -0.05 -3.95 9.29
C GLY D 72 1.21 -3.66 8.51
N THR D 73 1.06 -2.87 7.40
CA THR D 73 2.13 -2.47 6.48
C THR D 73 2.91 -1.23 6.94
N HIS D 74 2.19 -0.20 7.41
CA HIS D 74 2.72 1.11 7.83
C HIS D 74 3.08 1.88 6.58
N ASP D 75 2.09 1.99 5.71
CA ASP D 75 2.17 2.67 4.44
C ASP D 75 1.72 4.12 4.52
N GLY D 76 1.64 4.79 3.37
CA GLY D 76 1.27 6.20 3.27
C GLY D 76 -0.20 6.52 3.07
N LEU D 77 -0.77 7.26 4.03
CA LEU D 77 -2.16 7.69 3.96
C LEU D 77 -2.23 9.22 3.97
N LEU D 78 -3.21 9.75 3.25
CA LEU D 78 -3.44 11.18 3.17
C LEU D 78 -4.54 11.59 4.15
N VAL D 79 -4.29 12.67 4.90
CA VAL D 79 -5.16 13.31 5.88
C VAL D 79 -5.46 14.72 5.40
N ASN D 80 -6.61 14.89 4.75
CA ASN D 80 -7.09 16.13 4.09
C ASN D 80 -6.24 16.39 2.85
N GLN D 81 -6.13 15.36 1.97
CA GLN D 81 -5.36 15.37 0.71
C GLN D 81 -3.85 15.74 0.91
N THR D 82 -3.35 15.72 2.17
CA THR D 82 -1.96 16.01 2.52
C THR D 82 -1.36 14.96 3.45
N GLU D 83 -0.02 14.86 3.50
CA GLU D 83 0.75 13.91 4.30
C GLU D 83 0.55 14.07 5.81
N LEU D 84 0.66 15.33 6.28
CA LEU D 84 0.58 15.66 7.70
C LEU D 84 -0.68 16.44 8.11
N PHE D 85 -0.91 16.52 9.43
CA PHE D 85 -2.09 17.13 10.03
C PHE D 85 -1.82 17.82 11.37
N VAL D 86 -2.00 19.17 11.39
CA VAL D 86 -1.90 20.02 12.58
C VAL D 86 -3.34 20.51 12.86
N PRO D 87 -3.91 20.32 14.08
CA PRO D 87 -5.29 20.74 14.31
C PRO D 87 -5.42 22.25 14.56
N SER D 88 -6.37 22.88 13.84
CA SER D 88 -6.66 24.30 13.98
C SER D 88 -7.42 24.49 15.28
N LEU D 89 -7.33 25.68 15.88
CA LEU D 89 -8.06 25.97 17.12
C LEU D 89 -9.57 25.95 16.81
N ASN D 90 -10.35 25.33 17.72
CA ASN D 90 -11.81 25.18 17.62
C ASN D 90 -12.56 26.47 17.23
N VAL D 91 -13.69 26.31 16.52
CA VAL D 91 -14.54 27.39 16.01
C VAL D 91 -16.01 27.09 16.22
N ASP D 92 -16.79 28.10 16.64
CA ASP D 92 -18.25 28.07 16.82
C ASP D 92 -18.78 26.88 17.66
N GLY D 93 -17.88 26.15 18.31
CA GLY D 93 -18.21 24.94 19.06
C GLY D 93 -18.50 23.80 18.09
N GLN D 94 -17.67 23.73 17.03
CA GLN D 94 -17.72 22.73 15.96
C GLN D 94 -16.33 22.06 15.92
N PRO D 95 -16.26 20.71 15.93
CA PRO D 95 -14.95 20.06 15.98
C PRO D 95 -14.27 19.95 14.62
N ILE D 96 -12.95 20.10 14.62
CA ILE D 96 -12.10 20.13 13.43
C ILE D 96 -11.88 18.74 12.87
N PHE D 97 -12.33 18.50 11.61
CA PHE D 97 -12.26 17.21 10.94
C PHE D 97 -10.91 16.83 10.38
N ALA D 98 -10.73 15.51 10.11
CA ALA D 98 -9.49 14.96 9.57
C ALA D 98 -9.79 13.78 8.67
N ASN D 99 -10.60 14.01 7.60
CA ASN D 99 -10.99 12.98 6.61
C ASN D 99 -9.69 12.31 6.03
N ILE D 100 -9.53 10.97 6.18
CA ILE D 100 -8.35 10.20 5.71
C ILE D 100 -8.69 9.34 4.51
N THR D 101 -7.77 9.26 3.52
CA THR D 101 -7.84 8.39 2.32
C THR D 101 -6.44 8.00 1.86
N LEU D 102 -6.35 6.91 1.10
CA LEU D 102 -5.06 6.45 0.55
C LEU D 102 -4.79 7.21 -0.75
N PRO D 103 -3.52 7.43 -1.15
CA PRO D 103 -3.28 8.17 -2.40
C PRO D 103 -3.50 7.31 -3.67
N VAL D 104 -2.80 7.68 -4.77
CA VAL D 104 -2.71 6.96 -6.04
C VAL D 104 -1.21 6.57 -6.04
N TYR D 105 -0.89 5.29 -5.70
CA TYR D 105 0.50 4.83 -5.60
C TYR D 105 1.07 4.44 -6.93
N THR D 106 2.41 4.58 -7.05
CA THR D 106 3.13 4.09 -8.22
C THR D 106 3.01 2.59 -8.06
N LEU D 107 2.37 1.94 -9.05
CA LEU D 107 2.03 0.51 -9.07
C LEU D 107 2.96 -0.39 -8.26
N LYS D 108 4.30 -0.16 -8.36
CA LYS D 108 5.34 -0.89 -7.64
C LYS D 108 5.02 -0.98 -6.16
N GLU D 109 4.62 0.15 -5.53
CA GLU D 109 4.28 0.24 -4.11
C GLU D 109 3.01 -0.51 -3.78
N ARG D 110 1.97 -0.38 -4.63
CA ARG D 110 0.70 -1.08 -4.47
C ARG D 110 0.91 -2.61 -4.59
N CYS D 111 1.89 -3.02 -5.45
CA CYS D 111 2.31 -4.41 -5.66
C CYS D 111 3.07 -4.86 -4.46
N LEU D 112 4.13 -4.14 -4.13
CA LEU D 112 4.96 -4.43 -2.97
C LEU D 112 4.11 -4.53 -1.69
N GLN D 113 2.91 -3.93 -1.68
CA GLN D 113 2.00 -4.04 -0.55
C GLN D 113 1.36 -5.41 -0.53
N VAL D 114 0.90 -5.89 -1.69
CA VAL D 114 0.29 -7.21 -1.84
C VAL D 114 1.38 -8.23 -1.54
N VAL D 115 2.54 -8.08 -2.18
CA VAL D 115 3.70 -8.95 -2.07
C VAL D 115 4.23 -9.04 -0.60
N ARG D 116 4.57 -7.91 0.05
CA ARG D 116 5.06 -7.89 1.44
C ARG D 116 4.01 -8.40 2.43
N SER D 117 2.72 -8.23 2.09
CA SER D 117 1.61 -8.69 2.93
C SER D 117 1.37 -10.17 2.77
N LEU D 118 1.57 -10.72 1.55
CA LEU D 118 1.31 -12.15 1.30
C LEU D 118 2.51 -13.04 1.56
N VAL D 119 3.75 -12.54 1.38
CA VAL D 119 5.00 -13.27 1.67
C VAL D 119 5.44 -12.87 3.09
N LYS D 120 5.80 -13.84 3.95
CA LYS D 120 6.23 -13.52 5.31
C LYS D 120 7.65 -12.89 5.34
N PRO D 121 7.96 -11.97 6.31
CA PRO D 121 9.31 -11.32 6.36
C PRO D 121 10.56 -12.11 5.92
N GLU D 122 10.68 -13.40 6.26
CA GLU D 122 11.84 -14.22 5.95
C GLU D 122 11.92 -14.70 4.48
N ASN D 123 10.82 -15.32 3.99
CA ASN D 123 10.65 -15.93 2.67
C ASN D 123 10.79 -14.99 1.45
N TYR D 124 11.03 -13.69 1.67
CA TYR D 124 11.12 -12.62 0.66
C TYR D 124 12.01 -12.90 -0.57
N ARG D 125 12.87 -13.94 -0.52
CA ARG D 125 13.78 -14.23 -1.65
C ARG D 125 13.67 -15.66 -2.20
N ARG D 126 12.80 -16.50 -1.60
CA ARG D 126 12.52 -17.89 -2.03
C ARG D 126 11.79 -17.89 -3.41
N LEU D 127 11.10 -16.77 -3.73
CA LEU D 127 10.29 -16.49 -4.93
C LEU D 127 11.04 -16.43 -6.27
N ASP D 128 10.28 -16.39 -7.39
CA ASP D 128 10.76 -16.38 -8.79
C ASP D 128 10.48 -15.01 -9.46
N ILE D 129 11.38 -14.00 -9.24
CA ILE D 129 11.23 -12.63 -9.78
C ILE D 129 12.55 -12.06 -10.36
N VAL D 130 12.50 -10.81 -10.89
CA VAL D 130 13.64 -10.04 -11.40
C VAL D 130 14.45 -9.66 -10.14
N ARG D 131 15.77 -9.93 -10.13
CA ARG D 131 16.73 -9.71 -9.02
C ARG D 131 16.57 -8.36 -8.28
N SER D 132 16.56 -7.23 -9.03
CA SER D 132 16.45 -5.83 -8.57
C SER D 132 15.28 -5.53 -7.61
N LEU D 133 14.22 -6.36 -7.68
CA LEU D 133 13.00 -6.24 -6.90
C LEU D 133 13.11 -6.82 -5.50
N TYR D 134 13.85 -7.94 -5.31
CA TYR D 134 14.03 -8.63 -4.02
C TYR D 134 14.43 -7.69 -2.89
N GLU D 135 15.11 -6.59 -3.25
CA GLU D 135 15.64 -5.56 -2.35
C GLU D 135 14.60 -4.49 -2.02
N ASP D 136 13.68 -4.18 -2.98
CA ASP D 136 12.57 -3.22 -2.82
C ASP D 136 11.50 -3.75 -1.83
N LEU D 137 11.59 -5.07 -1.49
CA LEU D 137 10.73 -5.86 -0.59
C LEU D 137 11.05 -5.57 0.87
N GLU D 138 12.36 -5.58 1.23
CA GLU D 138 12.80 -5.28 2.60
C GLU D 138 12.85 -3.75 2.83
N ASP D 139 12.23 -3.01 1.87
CA ASP D 139 11.95 -1.58 1.91
C ASP D 139 10.44 -1.52 2.32
N HIS D 140 10.23 -1.71 3.63
CA HIS D 140 8.92 -1.63 4.26
C HIS D 140 8.80 -0.11 4.50
N PRO D 141 7.68 0.52 4.13
CA PRO D 141 7.57 1.97 4.32
C PRO D 141 7.73 2.37 5.78
N ASN D 142 8.75 3.19 6.04
CA ASN D 142 9.12 3.66 7.38
C ASN D 142 8.61 5.05 7.63
N VAL D 143 8.44 5.40 8.89
CA VAL D 143 8.00 6.71 9.30
C VAL D 143 9.20 7.67 9.28
N GLN D 144 10.29 7.34 10.02
CA GLN D 144 11.49 8.17 10.05
C GLN D 144 12.03 8.48 8.66
N LYS D 145 12.01 7.48 7.76
CA LYS D 145 12.45 7.62 6.37
C LYS D 145 11.60 8.68 5.69
N ASP D 146 10.29 8.43 5.53
CA ASP D 146 9.32 9.30 4.86
C ASP D 146 9.15 10.67 5.51
N LEU D 147 9.59 10.84 6.76
CA LEU D 147 9.50 12.12 7.46
C LEU D 147 10.75 12.95 7.28
N GLU D 148 11.92 12.32 7.43
CA GLU D 148 13.21 13.01 7.21
C GLU D 148 13.39 13.19 5.70
N ARG D 149 12.49 12.57 4.91
CA ARG D 149 12.41 12.68 3.48
C ARG D 149 11.46 13.85 3.20
N LEU D 150 10.51 14.13 4.10
CA LEU D 150 9.61 15.28 3.94
C LEU D 150 10.39 16.52 4.36
N THR D 151 11.16 16.41 5.47
CA THR D 151 12.04 17.43 6.05
C THR D 151 13.05 17.87 4.98
N GLN D 152 13.45 16.93 4.10
CA GLN D 152 14.36 17.15 2.99
C GLN D 152 13.68 17.93 1.88
N GLU D 153 12.39 17.61 1.59
CA GLU D 153 11.62 18.26 0.53
C GLU D 153 11.20 19.68 0.87
N ARG D 154 11.19 20.04 2.17
CA ARG D 154 10.85 21.38 2.65
C ARG D 154 12.02 22.31 2.39
N ILE D 155 13.24 21.93 2.81
CA ILE D 155 14.42 22.76 2.61
C ILE D 155 14.90 22.69 1.14
N ALA D 156 14.09 22.04 0.27
CA ALA D 156 14.29 21.92 -1.18
C ALA D 156 13.25 22.83 -1.90
N HIS D 157 12.64 23.77 -1.14
CA HIS D 157 11.69 24.76 -1.61
C HIS D 157 11.81 26.06 -0.76
N GLN D 158 11.90 25.91 0.60
CA GLN D 158 12.03 27.01 1.58
C GLN D 158 13.42 27.65 1.53
C6 A1IYN E . 8.53 -2.65 27.28
C7 A1IYN E . 8.65 -3.41 26.09
C8 A1IYN E . 9.12 -4.74 26.25
C10 A1IYN E . 9.18 -4.52 28.63
C15 A1IYN E . -3.86 5.80 25.53
C17 A1IYN E . -4.92 7.91 25.99
C20 A1IYN E . -6.64 9.14 23.42
C21 A1IYN E . -6.79 8.30 22.32
C22 A1IYN E . -6.79 8.85 21.04
C24 A1IYN E . -6.34 11.03 21.97
C26 A1IYN E . -7.29 8.03 19.90
C1 A1IYN E . 7.58 -0.90 26.08
N2 A1IYN E . 7.80 -1.43 24.91
C3 A1IYN E . 8.27 -2.73 24.83
O4 A1IYN E . 8.12 -1.34 27.25
O5 A1IYN E . 8.28 -3.32 23.75
C9 A1IYN E . 9.38 -5.28 27.50
C11 A1IYN E . 8.78 -3.19 28.53
BR12 A1IYN E . 9.55 -5.85 24.76
O13 A1IYN E . -2.50 5.07 23.63
C14 A1IYN E . -3.83 5.25 24.12
O16 A1IYN E . -3.75 7.23 25.52
C18 A1IYN E . -6.12 7.53 25.16
O19 A1IYN E . -6.80 8.70 24.71
C23 A1IYN E . -6.52 10.20 20.87
C25 A1IYN E . -6.43 10.51 23.26
C27 A1IYN E . -8.36 7.17 19.78
N28 A1IYN E . -8.59 6.68 18.52
C29 A1IYN E . -7.70 7.13 17.68
S30 A1IYN E . -6.52 8.20 18.35
C31 A1IYN E . -6.40 11.41 24.48
N32 A1IYN E . -5.58 12.61 24.29
C33 A1IYN E . -4.25 12.57 24.15
C34 A1IYN E . -3.68 13.79 23.46
O35 A1IYN E . -3.54 11.63 24.52
C36 A1IYN E . -3.50 13.51 21.96
C37 A1IYN E . -2.23 14.25 21.58
C38 A1IYN E . -1.35 14.07 22.82
N39 A1IYN E . -2.32 14.17 23.91
C40 A1IYN E . -2.11 14.60 25.18
O41 A1IYN E . -3.02 14.74 25.98
C42 A1IYN E . -0.68 15.00 25.58
C43 A1IYN E . 0.11 13.89 26.35
N44 A1IYN E . -0.79 16.22 26.36
C45 A1IYN E . -0.29 12.48 25.90
C46 A1IYN E . 1.60 14.08 26.06
C47 A1IYN E . -0.13 14.01 27.86
C48 A1IYN E . -0.39 17.46 26.05
O49 A1IYN E . -0.27 17.90 24.91
C50 A1IYN E . 0.00 18.38 27.24
C51 A1IYN E . -1.02 18.71 28.26
C52 A1IYN E . -0.54 19.76 27.31
F53 A1IYN E . 1.33 18.22 27.74
O54 A1IYN E . -2.52 15.63 21.32
C55 A1IYN E . -9.28 6.72 20.88
N56 A1IYN E . 0.43 6.18 23.65
N57 A1IYN E . 0.75 3.56 24.98
C58 A1IYN E . 1.31 3.83 23.65
C59 A1IYN E . 0.49 4.88 22.89
C60 A1IYN E . 0.86 6.02 25.09
C61 A1IYN E . 0.25 4.75 25.69
C62 A1IYN E . 2.63 5.78 29.78
C63 A1IYN E . 2.94 5.90 28.32
C64 A1IYN E . 3.55 4.79 29.13
C65 A1IYN E . 3.00 2.49 30.19
N66 A1IYN E . 3.18 3.29 28.99
C67 A1IYN E . 6.31 0.99 25.20
C68 A1IYN E . 4.84 0.90 24.81
C69 A1IYN E . 3.84 1.65 25.70
N70 A1IYN E . 2.70 2.04 25.08
C71 A1IYN E . 1.73 2.81 25.75
N72 A1IYN E . 1.90 3.07 27.08
C73 A1IYN E . 3.03 2.72 27.72
C74 A1IYN E . 4.07 1.95 27.05
C75 A1IYN E . 5.33 1.55 27.79
C76 A1IYN E . 5.91 0.15 27.53
N77 A1IYN E . 6.67 0.05 26.27
C78 A1IYN E . -2.02 6.14 22.81
C79 A1IYN E . -0.90 6.88 23.52
#